data_6ITT
#
_entry.id   6ITT
#
_cell.length_a   62.629
_cell.length_b   63.087
_cell.length_c   196.812
_cell.angle_alpha   90.000
_cell.angle_beta   90.000
_cell.angle_gamma   90.000
#
_symmetry.space_group_name_H-M   'P 21 21 21'
#
loop_
_entity.id
_entity.type
_entity.pdbx_description
1 polymer 'Mast/stem cell growth factor receptor Kit'
2 non-polymer "N-(5-ethyl-1,2-oxazol-3-yl)-N'-[4-(2-{[6-(4-ethylpyrazin-1(4H)-yl)pyrimidin-4-yl]amino}-1,3-thiazol-5-yl)phenyl]urea"
3 water water
#
_entity_poly.entity_id   1
_entity_poly.type   'polypeptide(L)'
_entity_poly.pdbx_seq_one_letter_code
;YLQKPMYEVQWKVVEEINGNNYVYIDPTQLPYDHKWEFPRNRLSFGKTLGAGAFGKVVEATAYGLIKSDAAMTVAVKMLK
PSAHLTEREALMSELKVLSYLGNHMNIVNLLGACTIGGPTLVITEYCCYGDLLNFLRRKRDSFICSKTSPAIMEDDELAL
DLEDLLSFSYQVAKGMAFLASKNCIHRDLAARNILLTHGRITKICDFGLARDIKNDSNYVVKGNARLPVKWMAPESIFNC
VYTFESDVWSYGIFLWELFSLGSSPYPGMPVDSKFYKMIKEGFRMLSPEHAPAEMYDIMKTCWDADPLKRPTFKQIVQLI
EKQISESTNHI
;
_entity_poly.pdbx_strand_id   A,B
#
loop_
_chem_comp.id
_chem_comp.type
_chem_comp.name
_chem_comp.formula
AWO non-polymer N-(5-ethyl-1,2-oxazol-3-yl)-N'-[4-(2-{[6-(4-ethylpyrazin-1(4H)-yl)pyrimidin-4-yl]amino}-1,3-thiazol-5-yl)phenyl]urea 'C25 H25 N9 O2 S'
#
# COMPACT_ATOMS: atom_id res chain seq x y z
N ILE A 17 26.12 -20.82 12.62
CA ILE A 17 27.30 -21.35 13.30
C ILE A 17 27.28 -20.85 14.73
N ASN A 18 26.30 -20.02 15.04
CA ASN A 18 26.28 -19.22 16.25
C ASN A 18 25.63 -19.96 17.42
N GLY A 19 26.04 -19.58 18.63
CA GLY A 19 25.41 -20.09 19.84
C GLY A 19 24.09 -19.42 20.17
N ASN A 20 23.84 -18.24 19.59
CA ASN A 20 22.60 -17.52 19.82
C ASN A 20 21.37 -18.36 19.48
N ASN A 21 21.52 -19.40 18.65
CA ASN A 21 20.40 -20.26 18.25
C ASN A 21 19.97 -21.21 19.36
N TYR A 22 20.77 -21.40 20.41
CA TYR A 22 20.52 -22.44 21.41
C TYR A 22 20.07 -21.86 22.75
N VAL A 23 19.80 -20.58 22.79
CA VAL A 23 19.52 -19.89 24.03
C VAL A 23 18.30 -18.99 23.80
N TYR A 24 17.45 -18.90 24.82
CA TYR A 24 16.30 -18.00 24.76
C TYR A 24 16.31 -17.11 26.00
N ILE A 25 15.65 -15.96 25.89
CA ILE A 25 15.54 -15.06 27.03
C ILE A 25 14.34 -15.48 27.88
N ASP A 26 14.56 -15.61 29.18
CA ASP A 26 13.48 -16.03 30.06
C ASP A 26 12.82 -14.79 30.63
N PRO A 27 11.55 -14.52 30.30
CA PRO A 27 10.95 -13.23 30.72
C PRO A 27 10.83 -13.07 32.22
N THR A 28 10.73 -14.16 32.97
CA THR A 28 10.80 -14.12 34.43
C THR A 28 12.02 -13.35 34.88
N GLN A 29 13.19 -13.92 34.57
CA GLN A 29 14.52 -13.41 34.92
C GLN A 29 14.92 -12.17 34.13
N LEU A 30 13.94 -11.44 33.50
CA LEU A 30 14.12 -10.18 32.79
C LEU A 30 13.83 -9.03 33.74
N PRO A 31 14.30 -7.80 33.45
CA PRO A 31 14.01 -6.67 34.36
C PRO A 31 13.21 -5.53 33.73
N TYR A 32 12.27 -4.99 34.49
CA TYR A 32 11.42 -3.88 34.06
C TYR A 32 12.12 -2.55 34.31
N ASP A 33 12.17 -1.71 33.30
CA ASP A 33 12.65 -0.37 33.53
C ASP A 33 11.47 0.58 33.70
N HIS A 34 11.67 1.58 34.56
CA HIS A 34 10.63 2.52 34.92
C HIS A 34 10.53 3.70 33.97
N LYS A 35 11.38 3.78 32.92
CA LYS A 35 11.16 4.82 31.91
C LYS A 35 9.75 4.77 31.31
N TRP A 36 9.12 3.61 31.35
CA TRP A 36 7.85 3.41 30.68
C TRP A 36 6.67 3.90 31.49
N GLU A 37 6.84 4.06 32.80
CA GLU A 37 5.70 4.33 33.67
C GLU A 37 4.99 5.61 33.23
N PHE A 38 3.65 5.56 33.26
CA PHE A 38 2.84 6.63 32.72
C PHE A 38 1.59 6.69 33.57
N PRO A 39 1.11 7.89 33.93
CA PRO A 39 0.03 8.00 34.92
C PRO A 39 -1.30 7.51 34.35
N ARG A 40 -1.87 6.49 34.99
CA ARG A 40 -3.05 5.82 34.45
C ARG A 40 -4.29 6.71 34.46
N ASN A 41 -4.28 7.79 35.23
CA ASN A 41 -5.43 8.67 35.24
C ASN A 41 -5.61 9.41 33.92
N ARG A 42 -4.55 9.50 33.11
CA ARG A 42 -4.59 10.16 31.81
C ARG A 42 -4.89 9.19 30.67
N LEU A 43 -5.62 8.12 30.93
CA LEU A 43 -6.09 7.18 29.92
C LEU A 43 -7.61 7.23 29.89
N SER A 44 -8.17 7.42 28.71
CA SER A 44 -9.62 7.38 28.52
C SER A 44 -9.92 6.14 27.68
N PHE A 45 -10.53 5.14 28.32
CA PHE A 45 -10.75 3.85 27.67
C PHE A 45 -11.92 3.91 26.71
N GLY A 46 -11.80 3.17 25.61
CA GLY A 46 -12.84 3.13 24.60
C GLY A 46 -13.34 1.71 24.35
N LYS A 47 -13.47 1.33 23.08
CA LYS A 47 -14.07 0.05 22.77
C LYS A 47 -13.07 -1.09 22.99
N THR A 48 -13.60 -2.24 23.38
CA THR A 48 -12.79 -3.42 23.59
C THR A 48 -12.41 -4.03 22.23
N LEU A 49 -11.12 -4.29 22.06
CA LEU A 49 -10.64 -4.83 20.79
C LEU A 49 -10.61 -6.35 20.81
N GLY A 50 -10.43 -6.95 21.99
CA GLY A 50 -10.38 -8.39 22.12
C GLY A 50 -10.48 -8.77 23.59
N ALA A 51 -11.00 -9.95 23.90
CA ALA A 51 -11.18 -10.34 25.29
C ALA A 51 -11.21 -11.86 25.39
N GLY A 52 -10.60 -12.36 26.46
CA GLY A 52 -10.72 -13.76 26.82
C GLY A 52 -11.26 -13.89 28.24
N ALA A 53 -11.06 -15.05 28.86
CA ALA A 53 -11.57 -15.25 30.21
C ALA A 53 -10.95 -14.27 31.20
N PHE A 54 -9.63 -14.13 31.15
CA PHE A 54 -8.88 -13.40 32.15
C PHE A 54 -8.38 -12.02 31.69
N GLY A 55 -8.37 -11.74 30.39
CA GLY A 55 -7.67 -10.58 29.89
C GLY A 55 -8.42 -9.88 28.76
N LYS A 56 -7.93 -8.69 28.43
CA LYS A 56 -8.54 -7.85 27.41
C LYS A 56 -7.50 -6.84 26.92
N VAL A 57 -7.62 -6.49 25.65
CA VAL A 57 -6.99 -5.29 25.10
C VAL A 57 -8.12 -4.33 24.79
N VAL A 58 -7.95 -3.07 25.20
CA VAL A 58 -8.95 -2.05 24.98
C VAL A 58 -8.30 -0.90 24.24
N GLU A 59 -9.05 -0.32 23.31
CA GLU A 59 -8.66 0.91 22.66
C GLU A 59 -8.76 2.06 23.64
N ALA A 60 -7.76 2.95 23.63
CA ALA A 60 -7.76 4.04 24.60
C ALA A 60 -7.10 5.28 24.01
N THR A 61 -7.34 6.40 24.67
CA THR A 61 -6.67 7.66 24.37
C THR A 61 -5.70 8.00 25.48
N ALA A 62 -4.45 8.30 25.12
CA ALA A 62 -3.39 8.60 26.06
C ALA A 62 -2.96 10.05 25.88
N TYR A 63 -3.06 10.83 26.95
CA TYR A 63 -2.83 12.26 26.90
C TYR A 63 -1.39 12.56 27.29
N GLY A 64 -0.63 13.13 26.37
CA GLY A 64 0.73 13.52 26.64
C GLY A 64 1.72 12.37 26.71
N LEU A 65 1.41 11.22 26.11
CA LEU A 65 2.33 10.10 26.17
C LEU A 65 3.59 10.35 25.36
N ILE A 66 3.48 11.06 24.24
CA ILE A 66 4.59 11.34 23.35
C ILE A 66 4.95 12.81 23.34
N LYS A 67 4.02 13.66 22.93
CA LYS A 67 4.14 15.10 23.09
C LYS A 67 3.15 15.56 24.15
N SER A 68 3.63 16.36 25.11
CA SER A 68 2.80 16.74 26.25
C SER A 68 1.50 17.40 25.84
N ASP A 69 1.39 17.88 24.61
CA ASP A 69 0.22 18.64 24.15
C ASP A 69 -0.89 17.76 23.62
N ALA A 70 -0.56 16.64 22.97
CA ALA A 70 -1.49 15.92 22.11
C ALA A 70 -1.96 14.61 22.74
N ALA A 71 -3.26 14.34 22.59
CA ALA A 71 -3.78 13.02 22.86
C ALA A 71 -3.37 12.05 21.76
N MET A 72 -3.50 10.76 22.04
CA MET A 72 -2.98 9.75 21.13
C MET A 72 -3.75 8.45 21.32
N THR A 73 -4.20 7.85 20.21
CA THR A 73 -4.83 6.55 20.27
C THR A 73 -3.80 5.48 20.57
N VAL A 74 -4.12 4.59 21.52
CA VAL A 74 -3.26 3.49 21.92
C VAL A 74 -4.13 2.27 22.13
N ALA A 75 -3.46 1.13 22.39
CA ALA A 75 -4.09 -0.10 22.83
C ALA A 75 -3.54 -0.42 24.21
N VAL A 76 -4.40 -0.87 25.11
CA VAL A 76 -3.99 -1.17 26.49
C VAL A 76 -4.41 -2.59 26.82
N LYS A 77 -3.46 -3.43 27.19
CA LYS A 77 -3.75 -4.77 27.63
C LYS A 77 -3.87 -4.80 29.14
N MET A 78 -4.96 -5.39 29.64
CA MET A 78 -5.23 -5.47 31.06
C MET A 78 -5.96 -6.78 31.36
N LEU A 79 -6.04 -7.11 32.64
CA LEU A 79 -6.75 -8.32 33.04
C LEU A 79 -8.13 -7.97 33.60
N LYS A 80 -9.04 -8.94 33.47
CA LYS A 80 -10.38 -8.89 34.04
C LYS A 80 -10.31 -9.22 35.53
N PRO A 81 -11.37 -8.92 36.29
CA PRO A 81 -11.35 -9.31 37.72
C PRO A 81 -11.17 -10.80 37.92
N SER A 82 -11.68 -11.62 37.00
CA SER A 82 -11.59 -13.07 37.11
C SER A 82 -10.16 -13.58 37.24
N ALA A 83 -9.14 -12.78 36.89
CA ALA A 83 -7.77 -13.28 36.80
C ALA A 83 -7.17 -13.55 38.18
N HIS A 84 -6.39 -14.62 38.26
CA HIS A 84 -5.69 -15.02 39.46
C HIS A 84 -4.20 -14.72 39.30
N LEU A 85 -3.39 -15.24 40.23
CA LEU A 85 -1.97 -14.87 40.29
C LEU A 85 -1.25 -15.17 38.98
N THR A 86 -1.45 -16.37 38.41
CA THR A 86 -0.60 -16.80 37.30
C THR A 86 -0.73 -15.88 36.10
N GLU A 87 -1.90 -15.25 35.89
CA GLU A 87 -2.09 -14.30 34.80
C GLU A 87 -1.47 -12.94 35.11
N ARG A 88 -1.54 -12.53 36.37
CA ARG A 88 -0.85 -11.33 36.81
C ARG A 88 0.65 -11.42 36.52
N GLU A 89 1.24 -12.60 36.73
CA GLU A 89 2.65 -12.79 36.43
C GLU A 89 2.89 -12.89 34.94
N ALA A 90 1.94 -13.46 34.20
CA ALA A 90 2.07 -13.55 32.75
C ALA A 90 2.01 -12.17 32.12
N LEU A 91 1.08 -11.32 32.56
CA LEU A 91 1.03 -9.97 32.01
C LEU A 91 2.30 -9.21 32.34
N MET A 92 2.86 -9.44 33.53
CA MET A 92 4.12 -8.80 33.88
C MET A 92 5.24 -9.23 32.95
N SER A 93 5.42 -10.55 32.76
CA SER A 93 6.49 -11.03 31.88
C SER A 93 6.29 -10.56 30.43
N GLU A 94 5.04 -10.39 30.01
CA GLU A 94 4.80 -9.89 28.65
C GLU A 94 5.18 -8.41 28.58
N LEU A 95 4.88 -7.66 29.64
CA LEU A 95 5.29 -6.27 29.66
C LEU A 95 6.81 -6.18 29.66
N LYS A 96 7.48 -7.10 30.34
CA LYS A 96 8.94 -7.11 30.32
C LYS A 96 9.46 -7.47 28.93
N VAL A 97 8.88 -8.50 28.31
CA VAL A 97 9.26 -8.88 26.95
C VAL A 97 9.15 -7.67 26.04
N LEU A 98 7.97 -7.06 26.00
CA LEU A 98 7.73 -5.91 25.12
C LEU A 98 8.73 -4.81 25.39
N SER A 99 9.04 -4.57 26.66
CA SER A 99 10.05 -3.56 26.98
C SER A 99 11.43 -3.97 26.49
N TYR A 100 11.74 -5.28 26.56
CA TYR A 100 13.06 -5.74 26.16
C TYR A 100 13.24 -5.77 24.66
N LEU A 101 12.16 -5.86 23.88
CA LEU A 101 12.30 -5.94 22.44
C LEU A 101 12.64 -4.59 21.82
N GLY A 102 12.13 -3.51 22.41
CA GLY A 102 12.39 -2.18 21.90
C GLY A 102 11.45 -1.79 20.78
N ASN A 103 12.01 -1.50 19.60
CA ASN A 103 11.20 -1.02 18.50
C ASN A 103 11.54 -1.79 17.24
N HIS A 104 10.51 -2.35 16.61
CA HIS A 104 10.60 -2.83 15.24
C HIS A 104 9.30 -2.47 14.52
N MET A 105 9.42 -2.11 13.25
CA MET A 105 8.26 -1.70 12.47
C MET A 105 7.19 -2.80 12.40
N ASN A 106 7.60 -4.07 12.44
CA ASN A 106 6.67 -5.18 12.18
C ASN A 106 6.31 -5.96 13.44
N ILE A 107 6.49 -5.35 14.61
CA ILE A 107 5.98 -5.86 15.87
C ILE A 107 5.18 -4.75 16.52
N VAL A 108 4.14 -5.11 17.26
CA VAL A 108 3.48 -4.14 18.11
C VAL A 108 4.48 -3.62 19.13
N ASN A 109 4.61 -2.30 19.23
CA ASN A 109 5.64 -1.67 20.04
C ASN A 109 5.03 -1.19 21.35
N LEU A 110 5.70 -1.51 22.45
CA LEU A 110 5.34 -0.91 23.74
C LEU A 110 5.52 0.60 23.67
N LEU A 111 4.57 1.33 24.28
CA LEU A 111 4.67 2.78 24.43
C LEU A 111 4.76 3.22 25.88
N GLY A 112 4.24 2.44 26.82
CA GLY A 112 4.25 2.82 28.22
C GLY A 112 3.53 1.78 29.05
N ALA A 113 3.37 2.07 30.33
CA ALA A 113 2.75 1.10 31.23
C ALA A 113 2.37 1.75 32.55
N CYS A 114 1.39 1.14 33.22
CA CYS A 114 0.93 1.55 34.55
C CYS A 114 1.00 0.31 35.44
N THR A 115 2.05 0.22 36.26
CA THR A 115 2.17 -0.84 37.25
C THR A 115 1.98 -0.35 38.68
N ILE A 116 2.06 0.96 38.91
CA ILE A 116 1.70 1.53 40.19
C ILE A 116 0.25 2.00 40.13
N GLY A 117 -0.37 2.16 41.30
CA GLY A 117 -1.70 2.71 41.39
C GLY A 117 -2.83 1.76 41.06
N GLY A 118 -2.54 0.49 40.82
CA GLY A 118 -3.56 -0.47 40.48
C GLY A 118 -3.03 -1.61 39.63
N PRO A 119 -3.94 -2.33 38.97
CA PRO A 119 -3.51 -3.46 38.14
C PRO A 119 -2.60 -3.02 37.01
N THR A 120 -1.76 -3.95 36.56
CA THR A 120 -0.87 -3.71 35.44
C THR A 120 -1.67 -3.34 34.19
N LEU A 121 -1.25 -2.26 33.52
CA LEU A 121 -1.77 -1.87 32.21
C LEU A 121 -0.59 -1.77 31.25
N VAL A 122 -0.67 -2.48 30.13
CA VAL A 122 0.40 -2.48 29.13
C VAL A 122 -0.05 -1.62 27.96
N ILE A 123 0.72 -0.57 27.67
CA ILE A 123 0.37 0.45 26.69
C ILE A 123 1.20 0.22 25.45
N THR A 124 0.55 -0.02 24.31
CA THR A 124 1.25 -0.21 23.05
C THR A 124 0.51 0.55 21.94
N GLU A 125 1.07 0.48 20.74
CA GLU A 125 0.43 1.04 19.56
C GLU A 125 -0.91 0.37 19.26
N TYR A 126 -1.82 1.15 18.68
CA TYR A 126 -3.11 0.67 18.18
C TYR A 126 -3.03 0.47 16.68
N CYS A 127 -3.51 -0.68 16.19
CA CYS A 127 -3.50 -0.98 14.77
C CYS A 127 -4.92 -0.83 14.21
N CYS A 128 -5.08 0.03 13.20
CA CYS A 128 -6.44 0.47 12.93
C CYS A 128 -7.27 -0.46 12.04
N TYR A 129 -6.69 -1.50 11.45
CA TYR A 129 -7.47 -2.37 10.56
C TYR A 129 -7.69 -3.78 11.10
N GLY A 130 -7.29 -4.05 12.34
CA GLY A 130 -7.59 -5.35 12.94
C GLY A 130 -6.65 -6.45 12.50
N ASP A 131 -7.07 -7.69 12.71
CA ASP A 131 -6.16 -8.80 12.45
C ASP A 131 -6.19 -9.21 10.98
N LEU A 132 -5.08 -9.82 10.55
CA LEU A 132 -4.96 -10.22 9.15
C LEU A 132 -5.96 -11.30 8.76
N LEU A 133 -6.29 -12.20 9.68
CA LEU A 133 -7.22 -13.28 9.34
C LEU A 133 -8.55 -12.71 8.86
N ASN A 134 -9.14 -11.79 9.63
CA ASN A 134 -10.42 -11.23 9.20
C ASN A 134 -10.27 -10.38 7.95
N PHE A 135 -9.14 -9.69 7.80
CA PHE A 135 -8.85 -9.01 6.54
C PHE A 135 -8.87 -9.99 5.38
N LEU A 136 -8.13 -11.10 5.52
CA LEU A 136 -8.08 -12.08 4.44
C LEU A 136 -9.47 -12.65 4.13
N ARG A 137 -10.29 -12.93 5.15
CA ARG A 137 -11.57 -13.57 4.91
C ARG A 137 -12.58 -12.61 4.29
N ARG A 138 -12.45 -11.31 4.54
CA ARG A 138 -13.26 -10.34 3.82
C ARG A 138 -12.88 -10.32 2.35
N LYS A 139 -11.58 -10.39 2.05
CA LYS A 139 -11.14 -10.55 0.66
C LYS A 139 -11.71 -11.84 0.07
N ARG A 140 -11.59 -12.95 0.80
CA ARG A 140 -12.11 -14.24 0.35
C ARG A 140 -13.55 -14.13 -0.12
N ASP A 141 -14.37 -13.35 0.59
CA ASP A 141 -15.72 -13.08 0.12
C ASP A 141 -15.69 -12.32 -1.20
N SER A 142 -15.87 -13.03 -2.31
CA SER A 142 -15.87 -12.44 -3.63
C SER A 142 -16.67 -13.29 -4.62
N GLU A 154 -3.95 -10.59 -17.41
CA GLU A 154 -5.10 -11.28 -16.81
C GLU A 154 -5.98 -10.32 -16.00
N ASP A 155 -5.46 -9.77 -14.89
CA ASP A 155 -6.29 -8.92 -14.03
C ASP A 155 -5.43 -8.07 -13.10
N ASP A 156 -5.58 -6.75 -13.22
CA ASP A 156 -4.82 -5.81 -12.40
C ASP A 156 -5.15 -5.97 -10.92
N GLU A 157 -6.42 -6.24 -10.60
CA GLU A 157 -6.84 -6.35 -9.21
C GLU A 157 -6.23 -7.57 -8.55
N LEU A 158 -6.14 -8.69 -9.26
CA LEU A 158 -5.52 -9.86 -8.67
C LEU A 158 -4.02 -9.66 -8.50
N ALA A 159 -3.38 -8.98 -9.46
CA ALA A 159 -1.96 -8.68 -9.32
C ALA A 159 -1.70 -7.84 -8.09
N LEU A 160 -2.51 -6.79 -7.87
CA LEU A 160 -2.29 -5.92 -6.71
C LEU A 160 -2.56 -6.68 -5.42
N ASP A 161 -3.60 -7.51 -5.42
CA ASP A 161 -3.83 -8.35 -4.25
C ASP A 161 -2.65 -9.27 -4.00
N LEU A 162 -2.09 -9.86 -5.06
CA LEU A 162 -0.91 -10.71 -4.85
C LEU A 162 0.27 -9.90 -4.33
N GLU A 163 0.46 -8.68 -4.86
CA GLU A 163 1.52 -7.82 -4.32
C GLU A 163 1.35 -7.57 -2.82
N ASP A 164 0.11 -7.34 -2.36
CA ASP A 164 -0.13 -7.15 -0.94
C ASP A 164 0.27 -8.40 -0.15
N LEU A 165 -0.10 -9.57 -0.64
CA LEU A 165 0.18 -10.79 0.12
C LEU A 165 1.68 -11.04 0.17
N LEU A 166 2.39 -10.76 -0.93
CA LEU A 166 3.85 -10.84 -0.89
C LEU A 166 4.41 -9.90 0.17
N SER A 167 3.89 -8.66 0.21
CA SER A 167 4.34 -7.69 1.20
C SER A 167 4.07 -8.18 2.62
N PHE A 168 2.88 -8.76 2.86
CA PHE A 168 2.57 -9.25 4.21
C PHE A 168 3.51 -10.39 4.59
N SER A 169 3.81 -11.28 3.65
CA SER A 169 4.71 -12.38 3.98
C SER A 169 6.13 -11.88 4.27
N TYR A 170 6.56 -10.84 3.55
CA TYR A 170 7.86 -10.22 3.78
C TYR A 170 7.91 -9.53 5.14
N GLN A 171 6.91 -8.70 5.42
CA GLN A 171 6.94 -7.95 6.67
C GLN A 171 6.94 -8.90 7.87
N VAL A 172 6.14 -9.97 7.78
CA VAL A 172 6.05 -10.90 8.91
C VAL A 172 7.35 -11.68 9.05
N ALA A 173 8.03 -12.01 7.94
CA ALA A 173 9.33 -12.67 8.06
C ALA A 173 10.36 -11.74 8.73
N LYS A 174 10.33 -10.45 8.38
CA LYS A 174 11.25 -9.50 8.99
C LYS A 174 10.98 -9.33 10.49
N GLY A 175 9.70 -9.27 10.87
CA GLY A 175 9.37 -9.13 12.28
C GLY A 175 9.78 -10.34 13.09
N MET A 176 9.58 -11.55 12.54
CA MET A 176 10.00 -12.77 13.24
C MET A 176 11.52 -12.90 13.26
N ALA A 177 12.19 -12.47 12.18
CA ALA A 177 13.65 -12.43 12.21
C ALA A 177 14.15 -11.56 13.35
N PHE A 178 13.51 -10.39 13.54
CA PHE A 178 13.87 -9.54 14.67
C PHE A 178 13.63 -10.26 16.00
N LEU A 179 12.45 -10.87 16.15
CA LEU A 179 12.16 -11.63 17.39
C LEU A 179 13.22 -12.68 17.65
N ALA A 180 13.56 -13.45 16.62
CA ALA A 180 14.59 -14.48 16.76
C ALA A 180 15.94 -13.87 17.15
N SER A 181 16.28 -12.72 16.57
CA SER A 181 17.55 -12.07 16.89
C SER A 181 17.62 -11.60 18.33
N LYS A 182 16.47 -11.38 18.96
CA LYS A 182 16.37 -11.05 20.37
C LYS A 182 16.11 -12.29 21.24
N ASN A 183 16.20 -13.49 20.66
CA ASN A 183 16.06 -14.75 21.39
C ASN A 183 14.67 -14.92 22.00
N CYS A 184 13.64 -14.40 21.32
CA CYS A 184 12.25 -14.62 21.70
C CYS A 184 11.60 -15.63 20.77
N ILE A 185 10.80 -16.52 21.36
CA ILE A 185 9.97 -17.46 20.63
C ILE A 185 8.52 -17.02 20.80
N HIS A 186 7.79 -16.91 19.69
CA HIS A 186 6.44 -16.38 19.73
C HIS A 186 5.48 -17.40 20.31
N ARG A 187 5.48 -18.62 19.77
CA ARG A 187 4.71 -19.79 20.19
C ARG A 187 3.28 -19.79 19.66
N ASP A 188 2.76 -18.69 19.13
CA ASP A 188 1.41 -18.71 18.59
C ASP A 188 1.33 -17.87 17.32
N LEU A 189 2.29 -18.04 16.42
CA LEU A 189 2.27 -17.27 15.17
C LEU A 189 1.17 -17.79 14.27
N ALA A 190 0.36 -16.87 13.75
CA ALA A 190 -0.80 -17.20 12.93
C ALA A 190 -1.41 -15.88 12.45
N ALA A 191 -2.25 -15.96 11.41
CA ALA A 191 -2.83 -14.75 10.84
C ALA A 191 -3.69 -14.00 11.85
N ARG A 192 -4.33 -14.74 12.78
CA ARG A 192 -5.12 -14.10 13.83
C ARG A 192 -4.26 -13.30 14.80
N ASN A 193 -2.95 -13.54 14.83
CA ASN A 193 -2.05 -12.78 15.69
C ASN A 193 -1.15 -11.86 14.87
N ILE A 194 -1.66 -11.38 13.73
CA ILE A 194 -0.99 -10.38 12.91
C ILE A 194 -1.96 -9.23 12.76
N LEU A 195 -1.51 -8.02 13.02
CA LEU A 195 -2.37 -6.86 12.88
C LEU A 195 -1.95 -6.04 11.67
N LEU A 196 -2.92 -5.35 11.08
CA LEU A 196 -2.72 -4.51 9.91
C LEU A 196 -3.09 -3.09 10.28
N THR A 197 -2.29 -2.13 9.84
CA THR A 197 -2.47 -0.74 10.25
C THR A 197 -2.17 0.15 9.05
N HIS A 198 -2.12 1.46 9.29
CA HIS A 198 -1.97 2.43 8.21
C HIS A 198 -0.81 2.08 7.29
N GLY A 199 -0.98 2.38 6.01
CA GLY A 199 0.05 2.06 5.03
C GLY A 199 0.18 0.58 4.69
N ARG A 200 -0.76 -0.25 5.13
CA ARG A 200 -0.69 -1.70 4.99
C ARG A 200 0.59 -2.26 5.63
N ILE A 201 0.96 -1.69 6.79
CA ILE A 201 2.04 -2.25 7.62
C ILE A 201 1.44 -3.34 8.52
N THR A 202 2.09 -4.52 8.55
CA THR A 202 1.65 -5.59 9.45
C THR A 202 2.51 -5.60 10.70
N LYS A 203 1.89 -5.83 11.86
CA LYS A 203 2.61 -5.94 13.12
C LYS A 203 2.26 -7.25 13.80
N ILE A 204 3.29 -8.05 14.08
CA ILE A 204 3.10 -9.28 14.86
C ILE A 204 2.64 -8.90 16.25
N CYS A 205 1.60 -9.57 16.74
CA CYS A 205 1.14 -9.37 18.10
C CYS A 205 0.88 -10.74 18.71
N ASP A 206 0.43 -10.74 19.96
CA ASP A 206 -0.03 -11.97 20.61
C ASP A 206 -1.21 -11.55 21.48
N PHE A 207 -2.43 -11.89 21.07
CA PHE A 207 -3.57 -11.50 21.89
C PHE A 207 -3.54 -12.23 23.22
N GLY A 208 -3.01 -13.46 23.24
CA GLY A 208 -2.82 -14.23 24.46
C GLY A 208 -4.07 -14.36 25.31
N LEU A 209 -4.01 -13.82 26.53
CA LEU A 209 -5.16 -13.87 27.42
C LEU A 209 -6.33 -13.02 26.92
N ALA A 210 -6.11 -12.13 25.96
CA ALA A 210 -7.18 -11.32 25.40
C ALA A 210 -7.89 -11.99 24.22
N ARG A 211 -7.71 -13.30 24.04
CA ARG A 211 -8.45 -14.10 23.08
C ARG A 211 -9.22 -15.16 23.86
N ASP A 212 -10.49 -15.37 23.49
CA ASP A 212 -11.30 -16.37 24.21
C ASP A 212 -11.10 -17.72 23.54
N ILE A 213 -9.99 -18.37 23.88
CA ILE A 213 -9.61 -19.59 23.20
C ILE A 213 -10.61 -20.71 23.41
N LYS A 214 -11.41 -20.65 24.49
CA LYS A 214 -12.42 -21.69 24.75
C LYS A 214 -13.42 -21.78 23.60
N ASN A 215 -13.78 -20.65 22.99
CA ASN A 215 -14.75 -20.62 21.89
C ASN A 215 -14.11 -20.47 20.51
N ASP A 216 -12.78 -20.47 20.43
CA ASP A 216 -12.07 -20.46 19.16
C ASP A 216 -11.71 -21.90 18.82
N SER A 217 -12.34 -22.45 17.78
CA SER A 217 -12.13 -23.86 17.43
C SER A 217 -10.77 -24.13 16.81
N ASN A 218 -9.97 -23.10 16.54
CA ASN A 218 -8.59 -23.34 16.13
C ASN A 218 -7.72 -23.76 17.31
N TYR A 219 -8.20 -23.59 18.53
CA TYR A 219 -7.52 -24.05 19.73
C TYR A 219 -8.19 -25.34 20.20
N VAL A 220 -7.43 -26.42 20.28
CA VAL A 220 -7.93 -27.78 20.52
C VAL A 220 -7.44 -28.27 21.88
N VAL A 221 -8.31 -28.97 22.60
CA VAL A 221 -7.89 -29.57 23.86
C VAL A 221 -6.83 -30.63 23.56
N LYS A 222 -5.67 -30.48 24.18
CA LYS A 222 -4.62 -31.48 24.06
C LYS A 222 -3.98 -31.59 25.44
N GLY A 223 -4.34 -32.64 26.17
CA GLY A 223 -3.86 -32.82 27.52
C GLY A 223 -4.49 -31.78 28.43
N ASN A 224 -3.64 -31.03 29.11
CA ASN A 224 -4.04 -30.05 30.10
C ASN A 224 -4.29 -28.67 29.50
N ALA A 225 -4.18 -28.53 28.19
CA ALA A 225 -4.09 -27.22 27.56
C ALA A 225 -4.96 -27.17 26.31
N ARG A 226 -5.17 -25.94 25.84
CA ARG A 226 -5.90 -25.64 24.61
C ARG A 226 -4.90 -25.01 23.65
N LEU A 227 -4.57 -25.72 22.59
CA LEU A 227 -3.39 -25.40 21.80
C LEU A 227 -3.76 -25.24 20.33
N PRO A 228 -3.05 -24.34 19.61
CA PRO A 228 -3.32 -24.14 18.16
C PRO A 228 -2.66 -25.23 17.31
N VAL A 229 -3.18 -26.44 17.50
CA VAL A 229 -2.53 -27.66 17.00
C VAL A 229 -2.19 -27.56 15.52
N LYS A 230 -3.10 -26.99 14.71
CA LYS A 230 -2.89 -27.04 13.27
C LYS A 230 -1.75 -26.14 12.83
N TRP A 231 -1.31 -25.22 13.69
CA TRP A 231 -0.16 -24.37 13.39
C TRP A 231 1.14 -24.90 13.99
N MET A 232 1.06 -25.96 14.80
CA MET A 232 2.18 -26.38 15.64
C MET A 232 3.07 -27.41 14.95
N ALA A 233 4.38 -27.26 15.16
CA ALA A 233 5.35 -28.22 14.69
C ALA A 233 5.22 -29.54 15.47
N PRO A 234 5.64 -30.66 14.87
CA PRO A 234 5.54 -31.95 15.58
C PRO A 234 6.29 -31.95 16.90
N GLU A 235 7.48 -31.35 17.00
CA GLU A 235 8.18 -31.34 18.28
C GLU A 235 7.33 -30.66 19.35
N SER A 236 6.55 -29.61 18.99
CA SER A 236 5.72 -28.96 19.99
C SER A 236 4.50 -29.81 20.34
N ILE A 237 3.91 -30.47 19.34
CA ILE A 237 2.70 -31.25 19.59
C ILE A 237 3.02 -32.43 20.50
N PHE A 238 4.02 -33.24 20.13
CA PHE A 238 4.25 -34.49 20.83
C PHE A 238 5.20 -34.36 22.01
N ASN A 239 6.04 -33.33 22.06
CA ASN A 239 6.99 -33.23 23.16
C ASN A 239 6.95 -31.88 23.87
N CYS A 240 6.02 -30.99 23.50
CA CYS A 240 5.93 -29.64 24.05
C CYS A 240 7.24 -28.85 23.85
N VAL A 241 8.00 -29.18 22.82
CA VAL A 241 9.25 -28.49 22.56
C VAL A 241 8.97 -27.25 21.73
N TYR A 242 9.44 -26.11 22.21
CA TYR A 242 9.32 -24.85 21.48
C TYR A 242 10.71 -24.26 21.26
N THR A 243 10.99 -23.88 20.03
CA THR A 243 12.30 -23.37 19.64
C THR A 243 12.11 -22.31 18.57
N PHE A 244 13.22 -21.69 18.17
CA PHE A 244 13.14 -20.79 17.03
C PHE A 244 12.63 -21.53 15.80
N GLU A 245 13.02 -22.79 15.64
CA GLU A 245 12.63 -23.49 14.43
C GLU A 245 11.19 -23.98 14.46
N SER A 246 10.54 -24.08 15.64
CA SER A 246 9.13 -24.42 15.60
C SER A 246 8.28 -23.20 15.27
N ASP A 247 8.76 -21.98 15.60
CA ASP A 247 8.14 -20.77 15.07
C ASP A 247 8.16 -20.75 13.54
N VAL A 248 9.25 -21.24 12.94
CA VAL A 248 9.34 -21.29 11.48
C VAL A 248 8.26 -22.21 10.90
N TRP A 249 8.01 -23.37 11.51
CA TRP A 249 6.91 -24.20 11.07
C TRP A 249 5.60 -23.42 11.08
N SER A 250 5.31 -22.71 12.19
CA SER A 250 4.08 -21.95 12.25
C SER A 250 4.02 -20.91 11.16
N TYR A 251 5.18 -20.32 10.84
CA TYR A 251 5.22 -19.34 9.76
C TYR A 251 4.78 -19.98 8.44
N GLY A 252 5.19 -21.23 8.20
CA GLY A 252 4.72 -21.93 7.01
C GLY A 252 3.21 -22.05 6.93
N ILE A 253 2.58 -22.42 8.06
CA ILE A 253 1.11 -22.52 8.10
C ILE A 253 0.50 -21.15 7.83
N PHE A 254 1.10 -20.11 8.39
CA PHE A 254 0.62 -18.76 8.15
C PHE A 254 0.65 -18.41 6.67
N LEU A 255 1.75 -18.75 5.97
CA LEU A 255 1.80 -18.51 4.52
C LEU A 255 0.68 -19.25 3.79
N TRP A 256 0.38 -20.47 4.21
CA TRP A 256 -0.72 -21.22 3.59
C TRP A 256 -2.04 -20.49 3.78
N GLU A 257 -2.32 -20.01 5.01
CA GLU A 257 -3.60 -19.30 5.17
C GLU A 257 -3.55 -17.94 4.47
N LEU A 258 -2.38 -17.32 4.39
CA LEU A 258 -2.23 -16.06 3.68
C LEU A 258 -2.66 -16.19 2.23
N PHE A 259 -2.08 -17.16 1.54
CA PHE A 259 -2.35 -17.36 0.13
C PHE A 259 -3.61 -18.15 -0.13
N SER A 260 -4.29 -18.60 0.92
CA SER A 260 -5.63 -19.18 0.81
C SER A 260 -6.72 -18.20 1.21
N LEU A 261 -6.39 -16.92 1.32
CA LEU A 261 -7.33 -15.90 1.78
C LEU A 261 -8.00 -16.31 3.09
N GLY A 262 -7.21 -16.88 3.98
CA GLY A 262 -7.67 -17.03 5.34
C GLY A 262 -8.48 -18.27 5.65
N SER A 263 -8.50 -19.25 4.74
CA SER A 263 -9.16 -20.50 5.11
C SER A 263 -8.32 -21.24 6.15
N SER A 264 -8.98 -22.00 7.01
CA SER A 264 -8.23 -22.66 8.06
C SER A 264 -7.38 -23.78 7.45
N PRO A 265 -6.20 -24.05 8.02
CA PRO A 265 -5.31 -25.07 7.46
C PRO A 265 -5.92 -26.47 7.54
N TYR A 266 -5.34 -27.40 6.78
CA TYR A 266 -5.85 -28.76 6.60
C TYR A 266 -7.39 -28.76 6.48
N PRO A 267 -7.94 -28.13 5.45
CA PRO A 267 -9.40 -27.92 5.42
C PRO A 267 -10.13 -29.26 5.39
N GLY A 268 -11.30 -29.28 6.02
CA GLY A 268 -12.08 -30.49 6.09
C GLY A 268 -11.47 -31.56 6.95
N MET A 269 -10.85 -31.18 8.05
CA MET A 269 -10.11 -32.19 8.79
C MET A 269 -10.06 -31.82 10.26
N PRO A 270 -10.75 -32.55 11.11
CA PRO A 270 -10.69 -32.24 12.55
C PRO A 270 -9.35 -32.64 13.14
N VAL A 271 -8.98 -31.99 14.24
CA VAL A 271 -7.80 -32.42 15.00
C VAL A 271 -8.26 -33.56 15.90
N ASP A 272 -7.90 -34.78 15.53
CA ASP A 272 -8.20 -35.99 16.31
C ASP A 272 -6.97 -36.89 16.20
N SER A 273 -7.13 -38.15 16.60
CA SER A 273 -5.99 -39.06 16.54
C SER A 273 -5.54 -39.29 15.10
N LYS A 274 -6.46 -39.24 14.15
CA LYS A 274 -6.07 -39.38 12.75
C LYS A 274 -5.23 -38.20 12.29
N PHE A 275 -5.53 -37.00 12.77
CA PHE A 275 -4.71 -35.84 12.43
C PHE A 275 -3.28 -36.04 12.93
N TYR A 276 -3.12 -36.41 14.20
CA TYR A 276 -1.79 -36.57 14.78
C TYR A 276 -1.00 -37.63 14.02
N LYS A 277 -1.62 -38.77 13.72
CA LYS A 277 -0.94 -39.81 12.95
C LYS A 277 -0.53 -39.32 11.58
N MET A 278 -1.37 -38.50 10.96
CA MET A 278 -1.09 -38.02 9.62
C MET A 278 0.10 -37.06 9.59
N ILE A 279 0.16 -36.11 10.54
CA ILE A 279 1.33 -35.23 10.62
C ILE A 279 2.60 -36.07 10.84
N LYS A 280 2.51 -37.06 11.72
CA LYS A 280 3.66 -37.91 12.03
C LYS A 280 4.10 -38.72 10.80
N GLU A 281 3.14 -39.30 10.08
CA GLU A 281 3.49 -40.10 8.91
C GLU A 281 3.98 -39.26 7.74
N GLY A 282 3.91 -37.94 7.84
CA GLY A 282 4.53 -37.08 6.85
C GLY A 282 3.62 -36.52 5.77
N PHE A 283 2.31 -36.46 5.99
CA PHE A 283 1.44 -35.76 5.06
C PHE A 283 1.53 -34.25 5.31
N ARG A 284 1.40 -33.47 4.23
CA ARG A 284 1.54 -32.02 4.29
C ARG A 284 0.54 -31.38 3.33
N MET A 285 0.25 -30.09 3.51
CA MET A 285 -0.77 -29.46 2.66
C MET A 285 -0.21 -29.23 1.26
N LEU A 286 -1.09 -29.38 0.26
CA LEU A 286 -0.84 -28.94 -1.10
C LEU A 286 -0.81 -27.42 -1.16
N SER A 287 -0.30 -26.90 -2.24
CA SER A 287 -0.17 -25.46 -2.36
C SER A 287 -1.55 -24.82 -2.48
N PRO A 288 -1.76 -23.65 -1.86
CA PRO A 288 -2.92 -22.84 -2.24
C PRO A 288 -2.86 -22.55 -3.73
N GLU A 289 -4.00 -22.27 -4.35
CA GLU A 289 -4.04 -22.11 -5.79
C GLU A 289 -3.22 -20.91 -6.23
N HIS A 290 -3.28 -19.82 -5.49
CA HIS A 290 -2.61 -18.59 -5.93
C HIS A 290 -1.38 -18.27 -5.09
N ALA A 291 -0.78 -19.28 -4.46
CA ALA A 291 0.56 -19.08 -3.90
C ALA A 291 1.60 -19.14 -5.00
N PRO A 292 2.48 -18.14 -5.10
CA PRO A 292 3.61 -18.25 -6.05
C PRO A 292 4.42 -19.49 -5.70
N ALA A 293 4.94 -20.15 -6.75
CA ALA A 293 5.69 -21.39 -6.57
C ALA A 293 6.77 -21.23 -5.51
N GLU A 294 7.46 -20.09 -5.50
CA GLU A 294 8.57 -19.92 -4.57
C GLU A 294 8.09 -19.73 -3.15
N MET A 295 6.89 -19.18 -2.96
CA MET A 295 6.36 -19.08 -1.61
C MET A 295 5.91 -20.45 -1.12
N TYR A 296 5.35 -21.29 -2.01
CA TYR A 296 5.05 -22.65 -1.59
C TYR A 296 6.32 -23.43 -1.30
N ASP A 297 7.39 -23.17 -2.06
CA ASP A 297 8.67 -23.83 -1.76
C ASP A 297 9.12 -23.49 -0.34
N ILE A 298 8.95 -22.25 0.08
CA ILE A 298 9.30 -21.86 1.44
C ILE A 298 8.44 -22.63 2.44
N MET A 299 7.12 -22.65 2.20
CA MET A 299 6.18 -23.38 3.04
C MET A 299 6.64 -24.81 3.34
N LYS A 300 6.96 -25.55 2.27
CA LYS A 300 7.35 -26.95 2.40
C LYS A 300 8.63 -27.11 3.23
N THR A 301 9.59 -26.20 3.07
CA THR A 301 10.79 -26.34 3.91
C THR A 301 10.49 -25.96 5.35
N CYS A 302 9.51 -25.08 5.59
CA CYS A 302 9.11 -24.79 6.96
C CYS A 302 8.50 -26.00 7.65
N TRP A 303 7.92 -26.93 6.87
CA TRP A 303 7.24 -28.12 7.39
C TRP A 303 8.12 -29.37 7.36
N ASP A 304 9.42 -29.22 7.39
CA ASP A 304 10.25 -30.41 7.57
C ASP A 304 10.10 -30.91 9.00
N ALA A 305 9.91 -32.22 9.16
CA ALA A 305 9.83 -32.80 10.49
C ALA A 305 11.14 -32.62 11.27
N ASP A 306 12.26 -32.50 10.57
CA ASP A 306 13.56 -32.21 11.18
C ASP A 306 13.76 -30.72 11.31
N PRO A 307 13.80 -30.16 12.53
CA PRO A 307 13.96 -28.70 12.66
C PRO A 307 15.23 -28.16 11.99
N LEU A 308 16.31 -28.96 11.99
CA LEU A 308 17.58 -28.51 11.42
C LEU A 308 17.52 -28.26 9.92
N LYS A 309 16.52 -28.82 9.23
CA LYS A 309 16.35 -28.58 7.80
C LYS A 309 15.43 -27.41 7.50
N ARG A 310 14.74 -26.85 8.49
CA ARG A 310 13.93 -25.67 8.21
C ARG A 310 14.83 -24.45 8.02
N PRO A 311 14.45 -23.51 7.16
CA PRO A 311 15.21 -22.27 7.05
C PRO A 311 15.05 -21.45 8.31
N THR A 312 16.00 -20.55 8.53
CA THR A 312 15.82 -19.57 9.58
C THR A 312 15.00 -18.41 9.04
N PHE A 313 14.50 -17.56 9.94
CA PHE A 313 13.77 -16.39 9.47
C PHE A 313 14.69 -15.48 8.68
N LYS A 314 15.94 -15.34 9.11
CA LYS A 314 16.89 -14.55 8.35
C LYS A 314 17.00 -15.05 6.92
N GLN A 315 17.00 -16.37 6.72
CA GLN A 315 17.05 -16.93 5.38
C GLN A 315 15.76 -16.63 4.61
N ILE A 316 14.61 -16.79 5.25
CA ILE A 316 13.32 -16.49 4.61
C ILE A 316 13.31 -15.04 4.11
N VAL A 317 13.79 -14.11 4.93
CA VAL A 317 13.83 -12.71 4.55
C VAL A 317 14.64 -12.54 3.25
N GLN A 318 15.79 -13.21 3.17
CA GLN A 318 16.63 -13.13 1.98
C GLN A 318 15.88 -13.63 0.75
N LEU A 319 15.22 -14.78 0.86
CA LEU A 319 14.51 -15.34 -0.28
C LEU A 319 13.36 -14.43 -0.72
N ILE A 320 12.62 -13.86 0.23
CA ILE A 320 11.44 -13.09 -0.15
C ILE A 320 11.85 -11.78 -0.82
N GLU A 321 12.97 -11.19 -0.38
CA GLU A 321 13.45 -9.94 -0.99
C GLU A 321 13.75 -10.13 -2.46
N LYS A 322 14.39 -11.24 -2.82
CA LYS A 322 14.57 -11.60 -4.22
C LYS A 322 13.23 -11.66 -4.94
N GLN A 323 12.24 -12.33 -4.35
CA GLN A 323 10.95 -12.43 -5.04
C GLN A 323 10.34 -11.04 -5.29
N ILE A 324 10.40 -10.16 -4.29
CA ILE A 324 9.82 -8.82 -4.43
C ILE A 324 10.60 -8.01 -5.47
N SER A 325 11.93 -8.11 -5.46
CA SER A 325 12.74 -7.33 -6.38
C SER A 325 12.55 -7.79 -7.82
N GLU A 326 12.41 -9.11 -8.04
CA GLU A 326 12.16 -9.61 -9.39
C GLU A 326 10.77 -9.22 -9.88
N SER A 327 9.80 -9.12 -8.96
CA SER A 327 8.44 -8.71 -9.26
C SER A 327 8.32 -7.25 -9.72
N THR A 328 9.40 -6.47 -9.74
CA THR A 328 9.32 -5.05 -10.09
C THR A 328 10.16 -4.69 -11.31
N ASN B 20 2.55 31.82 -7.82
CA ASN B 20 2.97 31.17 -9.08
C ASN B 20 3.71 32.11 -10.03
N ASN B 21 4.54 31.49 -10.87
CA ASN B 21 5.16 32.14 -12.02
C ASN B 21 4.13 32.27 -13.15
N TYR B 22 4.54 32.93 -14.23
CA TYR B 22 3.74 32.97 -15.44
C TYR B 22 4.64 32.88 -16.66
N VAL B 23 5.64 31.99 -16.61
CA VAL B 23 6.60 31.83 -17.69
C VAL B 23 6.71 30.36 -18.07
N TYR B 24 7.02 30.13 -19.34
CA TYR B 24 7.26 28.80 -19.88
C TYR B 24 8.50 28.88 -20.75
N ILE B 25 8.96 27.73 -21.23
CA ILE B 25 10.01 27.67 -22.24
C ILE B 25 9.54 26.71 -23.33
N ASP B 26 9.70 27.13 -24.67
CA ASP B 26 9.00 26.10 -25.42
C ASP B 26 9.94 24.96 -25.81
N PRO B 27 9.39 23.76 -25.99
CA PRO B 27 10.25 22.58 -26.13
C PRO B 27 11.29 22.68 -27.24
N THR B 28 11.03 23.46 -28.29
CA THR B 28 12.03 23.59 -29.34
C THR B 28 13.31 24.25 -28.83
N GLN B 29 13.24 24.97 -27.72
CA GLN B 29 14.42 25.60 -27.12
C GLN B 29 15.10 24.72 -26.08
N LEU B 30 14.53 23.56 -25.77
CA LEU B 30 15.20 22.64 -24.87
C LEU B 30 16.12 21.73 -25.67
N PRO B 31 17.16 21.18 -25.03
CA PRO B 31 18.07 20.28 -25.72
C PRO B 31 17.64 18.82 -25.59
N TYR B 32 18.26 17.97 -26.40
CA TYR B 32 18.22 16.52 -26.23
C TYR B 32 19.61 16.08 -25.77
N ASP B 33 19.70 15.56 -24.55
CA ASP B 33 20.95 15.04 -24.03
C ASP B 33 21.13 13.62 -24.55
N HIS B 34 22.08 13.42 -25.47
CA HIS B 34 22.23 12.12 -26.12
C HIS B 34 22.71 11.03 -25.18
N LYS B 35 22.93 11.36 -23.91
CA LYS B 35 23.16 10.33 -22.89
C LYS B 35 21.93 9.46 -22.68
N TRP B 36 20.77 9.87 -23.19
CA TRP B 36 19.57 9.06 -23.19
C TRP B 36 19.53 8.03 -24.31
N GLU B 37 20.47 8.07 -25.26
CA GLU B 37 20.42 7.22 -26.43
C GLU B 37 20.51 5.74 -26.06
N PHE B 38 19.63 4.94 -26.66
CA PHE B 38 19.49 3.52 -26.43
C PHE B 38 19.41 2.78 -27.75
N PRO B 39 20.12 1.65 -27.88
CA PRO B 39 20.04 0.87 -29.13
C PRO B 39 18.63 0.36 -29.40
N ARG B 40 18.07 0.82 -30.51
CA ARG B 40 16.77 0.39 -31.00
C ARG B 40 16.59 -1.14 -30.98
N ASN B 41 17.67 -1.88 -31.25
CA ASN B 41 17.63 -3.34 -31.37
C ASN B 41 17.52 -4.07 -30.05
N ARG B 42 17.49 -3.36 -28.92
CA ARG B 42 17.39 -4.00 -27.62
C ARG B 42 15.98 -3.93 -27.05
N LEU B 43 15.04 -3.36 -27.80
CA LEU B 43 13.64 -3.35 -27.39
C LEU B 43 12.97 -4.60 -27.95
N SER B 44 12.25 -5.30 -27.09
CA SER B 44 11.35 -6.38 -27.49
C SER B 44 9.93 -5.90 -27.19
N PHE B 45 9.18 -5.55 -28.22
CA PHE B 45 7.90 -4.90 -28.06
C PHE B 45 6.81 -5.90 -27.68
N GLY B 46 5.92 -5.50 -26.78
CA GLY B 46 4.84 -6.34 -26.31
C GLY B 46 3.46 -5.79 -26.60
N LYS B 47 2.56 -5.92 -25.63
CA LYS B 47 1.18 -5.50 -25.85
C LYS B 47 1.09 -3.98 -26.04
N THR B 48 0.10 -3.56 -26.80
CA THR B 48 -0.16 -2.13 -26.97
C THR B 48 -0.91 -1.62 -25.73
N LEU B 49 -0.31 -0.64 -25.06
CA LEU B 49 -0.88 -0.09 -23.84
C LEU B 49 -1.96 0.93 -24.13
N GLY B 50 -1.87 1.61 -25.27
CA GLY B 50 -2.79 2.66 -25.64
C GLY B 50 -2.40 3.19 -27.00
N ALA B 51 -3.40 3.57 -27.81
CA ALA B 51 -3.12 4.05 -29.15
C ALA B 51 -4.19 5.05 -29.56
N GLY B 52 -3.76 6.11 -30.23
CA GLY B 52 -4.68 7.00 -30.93
C GLY B 52 -4.50 6.88 -32.43
N ALA B 53 -4.76 7.95 -33.17
CA ALA B 53 -4.68 7.90 -34.63
C ALA B 53 -3.24 7.91 -35.13
N PHE B 54 -2.37 8.69 -34.48
CA PHE B 54 -1.02 8.91 -34.95
C PHE B 54 0.05 8.29 -34.05
N GLY B 55 -0.31 7.83 -32.85
CA GLY B 55 0.69 7.36 -31.92
C GLY B 55 0.14 6.29 -30.99
N LYS B 56 1.07 5.52 -30.43
CA LYS B 56 0.72 4.42 -29.53
C LYS B 56 1.80 4.30 -28.46
N VAL B 57 1.43 3.69 -27.33
CA VAL B 57 2.37 3.32 -26.27
C VAL B 57 2.31 1.81 -26.11
N VAL B 58 3.46 1.14 -26.20
CA VAL B 58 3.52 -0.31 -26.13
C VAL B 58 4.50 -0.72 -25.03
N GLU B 59 4.14 -1.77 -24.31
CA GLU B 59 5.03 -2.37 -23.32
C GLU B 59 6.21 -3.02 -24.03
N ALA B 60 7.41 -2.88 -23.45
CA ALA B 60 8.60 -3.48 -24.04
C ALA B 60 9.53 -3.98 -22.95
N THR B 61 10.46 -4.85 -23.37
CA THR B 61 11.59 -5.28 -22.59
C THR B 61 12.86 -4.64 -23.15
N ALA B 62 13.60 -3.95 -22.29
CA ALA B 62 14.83 -3.26 -22.67
C ALA B 62 16.00 -3.97 -22.00
N TYR B 63 16.93 -4.46 -22.82
CA TYR B 63 18.07 -5.22 -22.34
C TYR B 63 19.26 -4.29 -22.13
N GLY B 64 19.78 -4.26 -20.91
CA GLY B 64 20.93 -3.44 -20.58
C GLY B 64 20.66 -1.96 -20.55
N LEU B 65 19.55 -1.54 -19.94
CA LEU B 65 19.16 -0.13 -19.92
C LEU B 65 19.64 0.60 -18.67
N ILE B 66 19.59 -0.01 -17.49
CA ILE B 66 20.14 0.59 -16.27
C ILE B 66 21.45 -0.08 -15.88
N LYS B 67 21.52 -1.40 -15.94
CA LYS B 67 22.79 -2.09 -15.95
C LYS B 67 22.74 -3.18 -17.00
N SER B 68 23.89 -3.40 -17.67
CA SER B 68 23.94 -4.21 -18.88
C SER B 68 23.66 -5.68 -18.64
N ASP B 69 23.69 -6.15 -17.39
CA ASP B 69 23.48 -7.56 -17.05
C ASP B 69 22.18 -8.10 -17.62
N ALA B 70 21.06 -7.68 -17.04
CA ALA B 70 19.74 -8.20 -17.36
C ALA B 70 18.88 -7.12 -18.01
N ALA B 71 17.61 -7.43 -18.17
CA ALA B 71 16.67 -6.58 -18.87
C ALA B 71 15.69 -5.96 -17.87
N MET B 72 14.82 -5.12 -18.41
CA MET B 72 13.86 -4.40 -17.57
C MET B 72 12.63 -4.08 -18.39
N THR B 73 11.46 -4.23 -17.78
CA THR B 73 10.22 -3.88 -18.47
C THR B 73 10.08 -2.37 -18.51
N VAL B 74 9.84 -1.83 -19.71
CA VAL B 74 9.70 -0.40 -19.94
C VAL B 74 8.45 -0.16 -20.78
N ALA B 75 8.13 1.10 -20.99
CA ALA B 75 7.06 1.49 -21.89
C ALA B 75 7.66 2.38 -22.98
N VAL B 76 7.15 2.25 -24.21
CA VAL B 76 7.71 2.95 -25.36
C VAL B 76 6.58 3.69 -26.08
N LYS B 77 6.75 5.00 -26.26
CA LYS B 77 5.80 5.78 -27.04
C LYS B 77 6.42 6.02 -28.41
N MET B 78 5.62 5.79 -29.46
CA MET B 78 6.11 5.87 -30.83
C MET B 78 4.94 6.29 -31.71
N LEU B 79 5.25 6.64 -32.96
CA LEU B 79 4.26 7.06 -33.92
C LEU B 79 3.94 5.95 -34.90
N LYS B 80 2.70 5.94 -35.39
CA LYS B 80 2.28 5.05 -36.44
C LYS B 80 2.67 5.64 -37.80
N PRO B 81 2.63 4.84 -38.88
CA PRO B 81 2.95 5.40 -40.21
C PRO B 81 2.04 6.53 -40.63
N SER B 82 0.87 6.68 -40.00
CA SER B 82 -0.05 7.74 -40.33
C SER B 82 0.46 9.13 -39.94
N ALA B 83 1.33 9.19 -38.92
CA ALA B 83 1.73 10.49 -38.37
C ALA B 83 2.34 11.39 -39.45
N HIS B 84 2.04 12.68 -39.36
CA HIS B 84 2.62 13.69 -40.22
C HIS B 84 3.79 14.35 -39.51
N LEU B 85 4.41 15.31 -40.19
CA LEU B 85 5.54 16.03 -39.62
C LEU B 85 5.19 16.65 -38.27
N THR B 86 3.98 17.20 -38.15
CA THR B 86 3.65 17.90 -36.91
C THR B 86 3.58 16.94 -35.72
N GLU B 87 3.10 15.71 -35.94
CA GLU B 87 3.10 14.73 -34.86
C GLU B 87 4.53 14.26 -34.56
N ARG B 88 5.38 14.20 -35.58
CA ARG B 88 6.76 13.81 -35.34
C ARG B 88 7.51 14.89 -34.55
N GLU B 89 7.24 16.16 -34.84
CA GLU B 89 7.82 17.23 -34.02
C GLU B 89 7.31 17.15 -32.58
N ALA B 90 6.01 16.87 -32.41
CA ALA B 90 5.45 16.82 -31.06
C ALA B 90 6.11 15.74 -30.22
N LEU B 91 6.36 14.55 -30.82
CA LEU B 91 7.02 13.48 -30.07
C LEU B 91 8.43 13.89 -29.66
N MET B 92 9.19 14.50 -30.56
CA MET B 92 10.52 14.98 -30.21
C MET B 92 10.43 16.03 -29.12
N SER B 93 9.43 16.91 -29.19
CA SER B 93 9.22 17.90 -28.14
C SER B 93 8.88 17.26 -26.80
N GLU B 94 8.05 16.22 -26.83
CA GLU B 94 7.76 15.48 -25.61
C GLU B 94 9.04 14.90 -25.01
N LEU B 95 9.91 14.35 -25.85
CA LEU B 95 11.20 13.81 -25.39
C LEU B 95 12.04 14.89 -24.71
N LYS B 96 12.13 16.08 -25.32
CA LYS B 96 12.92 17.15 -24.72
C LYS B 96 12.35 17.57 -23.37
N VAL B 97 11.02 17.65 -23.25
CA VAL B 97 10.41 18.02 -21.98
C VAL B 97 10.75 17.00 -20.90
N LEU B 98 10.64 15.72 -21.23
CA LEU B 98 10.90 14.70 -20.20
C LEU B 98 12.36 14.71 -19.78
N SER B 99 13.27 15.09 -20.69
CA SER B 99 14.69 15.18 -20.34
C SER B 99 14.95 16.37 -19.41
N TYR B 100 14.34 17.51 -19.71
CA TYR B 100 14.49 18.71 -18.89
C TYR B 100 13.91 18.50 -17.49
N LEU B 101 12.87 17.69 -17.39
CA LEU B 101 12.09 17.62 -16.15
C LEU B 101 12.91 17.01 -15.02
N GLY B 102 13.66 15.98 -15.31
CA GLY B 102 14.36 15.27 -14.28
C GLY B 102 13.48 14.19 -13.70
N ASN B 103 13.92 13.66 -12.58
CA ASN B 103 13.29 12.50 -11.98
C ASN B 103 12.39 12.91 -10.83
N HIS B 104 11.18 12.38 -10.80
CA HIS B 104 10.35 12.50 -9.62
C HIS B 104 9.50 11.25 -9.48
N MET B 105 9.25 10.86 -8.22
CA MET B 105 8.57 9.60 -7.92
C MET B 105 7.15 9.59 -8.43
N ASN B 106 6.50 10.75 -8.52
CA ASN B 106 5.12 10.82 -8.96
C ASN B 106 4.94 11.35 -10.38
N ILE B 107 5.98 11.20 -11.20
CA ILE B 107 5.93 11.44 -12.65
C ILE B 107 6.40 10.17 -13.37
N VAL B 108 5.81 9.87 -14.53
CA VAL B 108 6.41 8.87 -15.39
C VAL B 108 7.77 9.41 -15.84
N ASN B 109 8.83 8.70 -15.53
CA ASN B 109 10.17 9.20 -15.79
C ASN B 109 10.75 8.68 -17.11
N LEU B 110 11.46 9.55 -17.82
CA LEU B 110 12.27 9.13 -18.94
C LEU B 110 13.34 8.14 -18.49
N LEU B 111 13.49 7.05 -19.22
CA LEU B 111 14.60 6.12 -19.07
C LEU B 111 15.56 6.12 -20.25
N GLY B 112 15.10 6.46 -21.44
CA GLY B 112 15.97 6.42 -22.61
C GLY B 112 15.20 6.81 -23.84
N ALA B 113 15.90 6.82 -24.98
CA ALA B 113 15.31 7.25 -26.24
C ALA B 113 16.08 6.65 -27.41
N CYS B 114 15.34 6.35 -28.48
CA CYS B 114 15.93 5.96 -29.75
C CYS B 114 15.67 7.11 -30.73
N THR B 115 16.73 7.81 -31.14
CA THR B 115 16.63 8.87 -32.13
C THR B 115 17.52 8.66 -33.35
N ILE B 116 18.37 7.64 -33.34
CA ILE B 116 19.28 7.31 -34.45
C ILE B 116 18.71 6.11 -35.20
N GLY B 117 18.87 6.11 -36.52
CA GLY B 117 18.58 4.92 -37.30
C GLY B 117 17.13 4.48 -37.32
N GLY B 118 16.19 5.42 -37.28
CA GLY B 118 14.78 5.11 -37.26
C GLY B 118 13.98 6.18 -36.57
N PRO B 119 12.65 6.03 -36.58
CA PRO B 119 11.79 7.05 -35.95
C PRO B 119 12.06 7.13 -34.44
N THR B 120 11.50 8.18 -33.85
CA THR B 120 11.73 8.45 -32.43
C THR B 120 11.00 7.43 -31.59
N LEU B 121 11.72 6.80 -30.67
CA LEU B 121 11.14 5.95 -29.64
C LEU B 121 11.50 6.57 -28.29
N VAL B 122 10.48 6.82 -27.47
CA VAL B 122 10.66 7.43 -26.15
C VAL B 122 10.38 6.36 -25.11
N ILE B 123 11.37 6.08 -24.27
CA ILE B 123 11.35 4.94 -23.37
C ILE B 123 11.20 5.48 -21.95
N THR B 124 10.11 5.10 -21.29
CA THR B 124 9.84 5.53 -19.95
C THR B 124 9.55 4.32 -19.07
N GLU B 125 9.25 4.60 -17.80
CA GLU B 125 8.85 3.55 -16.87
C GLU B 125 7.50 2.97 -17.28
N TYR B 126 7.36 1.66 -17.10
CA TYR B 126 6.08 0.99 -17.29
C TYR B 126 5.36 0.94 -15.94
N CYS B 127 4.14 1.46 -15.88
CA CYS B 127 3.33 1.35 -14.68
C CYS B 127 2.44 0.13 -14.81
N CYS B 128 2.55 -0.79 -13.85
CA CYS B 128 1.96 -2.10 -14.05
C CYS B 128 0.46 -2.21 -13.76
N TYR B 129 -0.18 -1.20 -13.18
CA TYR B 129 -1.60 -1.34 -12.88
C TYR B 129 -2.49 -0.44 -13.74
N GLY B 130 -1.95 0.23 -14.72
CA GLY B 130 -2.78 0.99 -15.64
C GLY B 130 -3.20 2.32 -15.05
N ASP B 131 -4.21 2.92 -15.68
CA ASP B 131 -4.59 4.26 -15.32
C ASP B 131 -5.58 4.27 -14.15
N LEU B 132 -5.60 5.39 -13.43
CA LEU B 132 -6.41 5.48 -12.21
C LEU B 132 -7.90 5.47 -12.52
N LEU B 133 -8.32 6.07 -13.65
CA LEU B 133 -9.74 6.10 -13.97
C LEU B 133 -10.30 4.69 -14.07
N ASN B 134 -9.65 3.82 -14.85
CA ASN B 134 -10.11 2.44 -14.97
C ASN B 134 -10.03 1.72 -13.64
N PHE B 135 -8.98 2.00 -12.85
CA PHE B 135 -8.83 1.40 -11.53
C PHE B 135 -9.98 1.81 -10.62
N LEU B 136 -10.31 3.10 -10.60
CA LEU B 136 -11.42 3.59 -9.78
C LEU B 136 -12.75 2.99 -10.22
N ARG B 137 -12.98 2.89 -11.53
CA ARG B 137 -14.28 2.43 -12.01
C ARG B 137 -14.52 0.96 -11.65
N ARG B 138 -13.49 0.12 -11.75
CA ARG B 138 -13.59 -1.27 -11.32
C ARG B 138 -13.57 -1.33 -9.80
N LYS B 139 -14.74 -1.12 -9.19
CA LYS B 139 -14.88 -1.17 -7.74
C LYS B 139 -16.29 -1.65 -7.43
N ARG B 140 -16.39 -2.81 -6.77
CA ARG B 140 -17.66 -3.44 -6.36
C ARG B 140 -18.74 -3.36 -7.45
N MET B 153 -20.20 -3.06 2.52
CA MET B 153 -18.76 -2.92 2.78
C MET B 153 -18.48 -2.59 4.24
N GLU B 154 -17.59 -3.36 4.86
CA GLU B 154 -17.31 -3.20 6.27
C GLU B 154 -16.52 -1.91 6.53
N ASP B 155 -16.57 -1.44 7.79
CA ASP B 155 -15.97 -0.16 8.14
C ASP B 155 -14.47 -0.17 7.89
N ASP B 156 -13.79 -1.28 8.17
CA ASP B 156 -12.35 -1.34 7.96
C ASP B 156 -12.00 -1.20 6.49
N GLU B 157 -12.79 -1.82 5.61
CA GLU B 157 -12.54 -1.70 4.18
C GLU B 157 -12.79 -0.28 3.67
N LEU B 158 -13.92 0.31 4.08
CA LEU B 158 -14.18 1.73 3.79
C LEU B 158 -12.98 2.59 4.20
N ALA B 159 -12.51 2.43 5.44
CA ALA B 159 -11.43 3.26 5.94
C ALA B 159 -10.17 3.12 5.09
N LEU B 160 -9.81 1.88 4.73
CA LEU B 160 -8.60 1.64 3.96
C LEU B 160 -8.73 2.18 2.53
N ASP B 161 -9.91 2.07 1.92
CA ASP B 161 -10.14 2.73 0.64
C ASP B 161 -9.95 4.23 0.75
N LEU B 162 -10.51 4.85 1.81
CA LEU B 162 -10.33 6.28 2.02
C LEU B 162 -8.85 6.64 2.16
N GLU B 163 -8.09 5.80 2.85
CA GLU B 163 -6.66 6.05 3.00
C GLU B 163 -5.96 6.01 1.66
N ASP B 164 -6.38 5.09 0.77
CA ASP B 164 -5.79 5.06 -0.57
C ASP B 164 -6.14 6.32 -1.36
N LEU B 165 -7.41 6.77 -1.28
CA LEU B 165 -7.79 7.96 -2.04
C LEU B 165 -7.04 9.19 -1.57
N LEU B 166 -6.81 9.31 -0.25
CA LEU B 166 -6.03 10.42 0.27
C LEU B 166 -4.59 10.33 -0.20
N SER B 167 -4.03 9.13 -0.19
CA SER B 167 -2.68 8.94 -0.73
C SER B 167 -2.61 9.38 -2.19
N PHE B 168 -3.58 8.95 -3.02
CA PHE B 168 -3.48 9.30 -4.44
C PHE B 168 -3.55 10.82 -4.61
N SER B 169 -4.44 11.47 -3.85
CA SER B 169 -4.55 12.93 -3.83
C SER B 169 -3.21 13.59 -3.53
N TYR B 170 -2.59 13.18 -2.44
CA TYR B 170 -1.29 13.69 -2.01
C TYR B 170 -0.22 13.46 -3.08
N GLN B 171 -0.12 12.23 -3.58
CA GLN B 171 0.91 11.90 -4.55
C GLN B 171 0.78 12.72 -5.84
N VAL B 172 -0.43 12.84 -6.37
CA VAL B 172 -0.63 13.63 -7.59
C VAL B 172 -0.32 15.10 -7.33
N ALA B 173 -0.71 15.62 -6.17
CA ALA B 173 -0.38 17.01 -5.83
C ALA B 173 1.12 17.21 -5.75
N LYS B 174 1.84 16.24 -5.15
CA LYS B 174 3.30 16.31 -5.13
C LYS B 174 3.87 16.29 -6.55
N GLY B 175 3.34 15.44 -7.43
CA GLY B 175 3.84 15.37 -8.79
C GLY B 175 3.61 16.66 -9.56
N MET B 176 2.40 17.21 -9.46
CA MET B 176 2.09 18.50 -10.08
C MET B 176 2.90 19.62 -9.45
N ALA B 177 3.12 19.56 -8.12
CA ALA B 177 4.05 20.51 -7.49
C ALA B 177 5.41 20.47 -8.17
N PHE B 178 5.88 19.27 -8.52
CA PHE B 178 7.15 19.15 -9.20
C PHE B 178 7.10 19.75 -10.60
N LEU B 179 6.04 19.44 -11.36
CA LEU B 179 5.91 20.00 -12.69
C LEU B 179 5.96 21.52 -12.67
N ALA B 180 5.23 22.15 -11.75
CA ALA B 180 5.21 23.60 -11.79
C ALA B 180 6.53 24.18 -11.29
N SER B 181 7.24 23.45 -10.42
CA SER B 181 8.56 23.93 -10.00
C SER B 181 9.54 23.96 -11.18
N LYS B 182 9.32 23.12 -12.20
CA LYS B 182 10.09 23.18 -13.43
C LYS B 182 9.43 24.06 -14.49
N ASN B 183 8.43 24.84 -14.08
CA ASN B 183 7.68 25.73 -14.97
C ASN B 183 7.05 24.96 -16.14
N CYS B 184 6.54 23.79 -15.83
CA CYS B 184 5.87 22.94 -16.80
CA CYS B 184 5.88 22.91 -16.79
C CYS B 184 4.38 22.92 -16.51
N ILE B 185 3.58 23.03 -17.57
CA ILE B 185 2.13 23.00 -17.47
C ILE B 185 1.67 21.72 -18.14
N HIS B 186 0.81 20.97 -17.45
CA HIS B 186 0.41 19.68 -18.01
C HIS B 186 -0.61 19.84 -19.13
N ARG B 187 -1.70 20.57 -18.88
CA ARG B 187 -2.77 20.89 -19.83
C ARG B 187 -3.84 19.81 -19.96
N ASP B 188 -3.55 18.57 -19.57
CA ASP B 188 -4.57 17.52 -19.64
C ASP B 188 -4.58 16.65 -18.40
N LEU B 189 -4.45 17.27 -17.22
CA LEU B 189 -4.49 16.51 -15.97
C LEU B 189 -5.90 15.99 -15.72
N ALA B 190 -5.99 14.70 -15.38
CA ALA B 190 -7.25 13.98 -15.31
C ALA B 190 -6.92 12.57 -14.85
N ALA B 191 -7.93 11.89 -14.30
CA ALA B 191 -7.69 10.54 -13.78
C ALA B 191 -7.25 9.60 -14.88
N ARG B 192 -7.67 9.86 -16.13
CA ARG B 192 -7.22 9.04 -17.25
C ARG B 192 -5.72 9.21 -17.53
N ASN B 193 -5.09 10.23 -16.96
CA ASN B 193 -3.67 10.51 -17.21
C ASN B 193 -2.87 10.38 -15.91
N ILE B 194 -3.38 9.59 -14.96
CA ILE B 194 -2.65 9.18 -13.76
C ILE B 194 -2.50 7.66 -13.80
N LEU B 195 -1.28 7.17 -13.68
CA LEU B 195 -1.00 5.74 -13.71
C LEU B 195 -0.70 5.24 -12.31
N LEU B 196 -1.01 3.96 -12.08
CA LEU B 196 -0.79 3.29 -10.80
C LEU B 196 0.19 2.16 -11.02
N THR B 197 1.10 1.98 -10.07
CA THR B 197 2.14 0.96 -10.21
C THR B 197 2.46 0.38 -8.84
N HIS B 198 3.53 -0.42 -8.79
CA HIS B 198 3.93 -1.14 -7.57
C HIS B 198 3.92 -0.23 -6.34
N GLY B 199 3.39 -0.76 -5.24
CA GLY B 199 3.28 -0.02 -4.00
C GLY B 199 2.21 1.04 -3.97
N ARG B 200 1.29 1.04 -4.94
CA ARG B 200 0.24 2.07 -5.04
C ARG B 200 0.84 3.46 -5.15
N ILE B 201 1.99 3.52 -5.83
CA ILE B 201 2.58 4.78 -6.27
C ILE B 201 1.86 5.23 -7.55
N THR B 202 1.37 6.48 -7.57
CA THR B 202 0.77 7.05 -8.77
C THR B 202 1.81 7.90 -9.49
N LYS B 203 1.82 7.79 -10.82
CA LYS B 203 2.64 8.62 -11.70
C LYS B 203 1.75 9.44 -12.62
N ILE B 204 1.98 10.74 -12.67
CA ILE B 204 1.32 11.57 -13.67
C ILE B 204 1.87 11.22 -15.04
N CYS B 205 0.99 11.01 -16.02
CA CYS B 205 1.50 10.84 -17.38
C CYS B 205 0.70 11.71 -18.35
N ASP B 206 0.87 11.45 -19.63
CA ASP B 206 0.01 12.06 -20.66
C ASP B 206 0.11 11.15 -21.86
N PHE B 207 -0.95 10.39 -22.13
CA PHE B 207 -0.92 9.53 -23.30
C PHE B 207 -0.84 10.36 -24.57
N GLY B 208 -1.31 11.61 -24.53
CA GLY B 208 -1.20 12.51 -25.67
C GLY B 208 -1.67 11.88 -26.97
N LEU B 209 -0.74 11.70 -27.91
CA LEU B 209 -1.09 11.13 -29.21
C LEU B 209 -1.49 9.66 -29.11
N ALA B 210 -1.19 8.98 -27.99
CA ALA B 210 -1.52 7.56 -27.81
C ALA B 210 -2.90 7.36 -27.18
N ARG B 211 -3.78 8.34 -27.30
CA ARG B 211 -5.19 8.21 -26.93
C ARG B 211 -6.06 8.51 -28.14
N ASP B 212 -7.15 7.75 -28.28
CA ASP B 212 -8.06 7.93 -29.40
C ASP B 212 -9.10 9.00 -29.01
N ILE B 213 -8.69 10.27 -29.15
CA ILE B 213 -9.50 11.33 -28.55
C ILE B 213 -10.79 11.57 -29.34
N LYS B 214 -10.84 11.16 -30.61
CA LYS B 214 -12.10 11.32 -31.34
C LYS B 214 -13.18 10.37 -30.81
N ASN B 215 -12.78 9.20 -30.31
CA ASN B 215 -13.71 8.23 -29.75
C ASN B 215 -13.80 8.33 -28.22
N ASP B 216 -13.35 9.43 -27.63
CA ASP B 216 -13.41 9.66 -26.19
C ASP B 216 -14.29 10.87 -25.93
N SER B 217 -15.53 10.62 -25.49
CA SER B 217 -16.51 11.67 -25.27
C SER B 217 -16.08 12.68 -24.21
N ASN B 218 -15.03 12.42 -23.45
CA ASN B 218 -14.54 13.45 -22.55
C ASN B 218 -13.77 14.56 -23.25
N TYR B 219 -13.47 14.40 -24.54
CA TYR B 219 -12.87 15.44 -25.38
C TYR B 219 -13.91 15.93 -26.38
N VAL B 220 -14.19 17.23 -26.36
CA VAL B 220 -15.30 17.79 -27.11
C VAL B 220 -14.74 18.66 -28.23
N VAL B 221 -15.45 18.69 -29.36
CA VAL B 221 -15.01 19.58 -30.43
C VAL B 221 -15.15 21.02 -29.95
N LYS B 222 -14.06 21.77 -30.06
CA LYS B 222 -14.07 23.19 -29.72
C LYS B 222 -13.16 23.86 -30.75
N GLY B 223 -13.77 24.56 -31.70
CA GLY B 223 -13.02 25.11 -32.81
C GLY B 223 -12.48 24.01 -33.70
N ASN B 224 -11.17 23.97 -33.84
CA ASN B 224 -10.49 23.00 -34.68
C ASN B 224 -9.84 21.87 -33.88
N ALA B 225 -10.15 21.76 -32.59
CA ALA B 225 -9.53 20.77 -31.73
C ALA B 225 -10.60 20.05 -30.91
N ARG B 226 -10.20 18.92 -30.34
CA ARG B 226 -11.01 18.19 -29.36
C ARG B 226 -10.33 18.33 -28.01
N LEU B 227 -11.01 18.97 -27.07
CA LEU B 227 -10.42 19.42 -25.83
C LEU B 227 -11.17 18.89 -24.62
N PRO B 228 -10.46 18.62 -23.51
CA PRO B 228 -11.13 18.09 -22.30
C PRO B 228 -11.82 19.20 -21.51
N VAL B 229 -12.89 19.74 -22.10
CA VAL B 229 -13.47 21.00 -21.62
C VAL B 229 -13.98 20.88 -20.19
N LYS B 230 -14.47 19.70 -19.79
CA LYS B 230 -14.97 19.56 -18.42
C LYS B 230 -13.86 19.65 -17.38
N TRP B 231 -12.59 19.44 -17.76
CA TRP B 231 -11.44 19.61 -16.88
C TRP B 231 -10.77 20.98 -17.01
N MET B 232 -11.23 21.83 -17.92
CA MET B 232 -10.52 23.07 -18.22
C MET B 232 -11.08 24.26 -17.43
N ALA B 233 -10.19 25.19 -17.07
CA ALA B 233 -10.61 26.38 -16.35
C ALA B 233 -11.40 27.32 -17.28
N PRO B 234 -12.35 28.08 -16.73
CA PRO B 234 -13.12 29.01 -17.57
C PRO B 234 -12.23 29.99 -18.31
N GLU B 235 -11.17 30.49 -17.67
CA GLU B 235 -10.33 31.49 -18.31
C GLU B 235 -9.58 30.89 -19.50
N SER B 236 -9.36 29.58 -19.50
CA SER B 236 -8.64 28.93 -20.58
C SER B 236 -9.46 28.76 -21.83
N ILE B 237 -10.79 28.87 -21.73
CA ILE B 237 -11.66 28.51 -22.83
C ILE B 237 -11.69 29.61 -23.89
N PHE B 238 -11.43 30.86 -23.49
CA PHE B 238 -11.51 31.99 -24.42
C PHE B 238 -10.52 31.84 -25.56
N ASN B 239 -9.23 31.69 -25.22
CA ASN B 239 -8.22 31.61 -26.26
C ASN B 239 -7.32 30.41 -26.10
N CYS B 240 -7.82 29.35 -25.47
CA CYS B 240 -7.05 28.12 -25.31
C CYS B 240 -5.69 28.39 -24.68
N VAL B 241 -5.69 29.19 -23.62
CA VAL B 241 -4.46 29.52 -22.90
C VAL B 241 -4.41 28.68 -21.63
N TYR B 242 -3.36 27.89 -21.49
CA TYR B 242 -3.16 27.07 -20.30
C TYR B 242 -2.12 27.72 -19.40
N THR B 243 -2.34 27.65 -18.08
CA THR B 243 -1.48 28.30 -17.10
C THR B 243 -1.23 27.35 -15.94
N PHE B 244 -0.42 27.78 -14.98
CA PHE B 244 -0.25 26.97 -13.79
C PHE B 244 -1.53 26.92 -12.98
N GLU B 245 -2.31 28.01 -12.98
CA GLU B 245 -3.54 28.04 -12.19
C GLU B 245 -4.67 27.27 -12.87
N SER B 246 -4.63 27.10 -14.21
CA SER B 246 -5.63 26.22 -14.81
C SER B 246 -5.30 24.75 -14.57
N ASP B 247 -4.02 24.39 -14.37
CA ASP B 247 -3.70 23.02 -13.93
C ASP B 247 -4.30 22.73 -12.57
N VAL B 248 -4.33 23.74 -11.69
CA VAL B 248 -4.91 23.61 -10.35
C VAL B 248 -6.41 23.42 -10.46
N TRP B 249 -7.06 24.09 -11.40
CA TRP B 249 -8.47 23.83 -11.67
C TRP B 249 -8.69 22.38 -12.07
N SER B 250 -7.91 21.88 -13.03
CA SER B 250 -8.06 20.48 -13.45
C SER B 250 -7.79 19.53 -12.29
N TYR B 251 -6.83 19.85 -11.42
CA TYR B 251 -6.60 19.01 -10.26
C TYR B 251 -7.84 18.93 -9.40
N GLY B 252 -8.54 20.06 -9.23
CA GLY B 252 -9.80 20.02 -8.52
C GLY B 252 -10.80 19.05 -9.15
N ILE B 253 -10.97 19.14 -10.47
CA ILE B 253 -11.83 18.18 -11.16
C ILE B 253 -11.31 16.76 -10.92
N PHE B 254 -9.99 16.58 -10.92
CA PHE B 254 -9.43 15.26 -10.69
C PHE B 254 -9.83 14.73 -9.32
N LEU B 255 -9.75 15.59 -8.29
CA LEU B 255 -10.19 15.20 -6.96
C LEU B 255 -11.64 14.73 -6.97
N TRP B 256 -12.47 15.38 -7.79
CA TRP B 256 -13.88 15.00 -7.87
C TRP B 256 -14.04 13.61 -8.45
N GLU B 257 -13.32 13.30 -9.52
CA GLU B 257 -13.49 11.94 -10.03
C GLU B 257 -12.81 10.93 -9.12
N LEU B 258 -11.80 11.35 -8.37
CA LEU B 258 -11.15 10.45 -7.44
C LEU B 258 -12.10 10.03 -6.33
N PHE B 259 -12.73 11.00 -5.67
CA PHE B 259 -13.56 10.66 -4.52
C PHE B 259 -14.95 10.19 -4.92
N SER B 260 -15.29 10.29 -6.19
CA SER B 260 -16.52 9.70 -6.71
C SER B 260 -16.26 8.38 -7.41
N LEU B 261 -15.08 7.79 -7.22
CA LEU B 261 -14.72 6.49 -7.80
C LEU B 261 -14.85 6.49 -9.33
N GLY B 262 -14.45 7.59 -9.96
CA GLY B 262 -14.24 7.58 -11.39
C GLY B 262 -15.46 7.90 -12.24
N SER B 263 -16.47 8.53 -11.69
CA SER B 263 -17.57 8.97 -12.52
C SER B 263 -17.18 10.24 -13.27
N SER B 264 -17.76 10.42 -14.42
CA SER B 264 -17.32 11.54 -15.23
C SER B 264 -17.94 12.84 -14.70
N PRO B 265 -17.22 13.95 -14.81
CA PRO B 265 -17.68 15.20 -14.18
C PRO B 265 -18.93 15.76 -14.85
N TYR B 266 -19.55 16.71 -14.13
CA TYR B 266 -20.82 17.34 -14.47
C TYR B 266 -21.84 16.33 -15.04
N PRO B 267 -22.26 15.33 -14.25
CA PRO B 267 -23.20 14.33 -14.75
C PRO B 267 -24.47 14.97 -15.29
N GLY B 268 -25.00 14.39 -16.37
CA GLY B 268 -26.21 14.92 -16.97
C GLY B 268 -26.08 16.30 -17.56
N MET B 269 -24.86 16.73 -17.87
CA MET B 269 -24.61 18.05 -18.43
C MET B 269 -23.65 17.92 -19.60
N PRO B 270 -24.14 17.85 -20.83
CA PRO B 270 -23.24 17.86 -21.98
C PRO B 270 -22.57 19.21 -22.13
N VAL B 271 -21.42 19.22 -22.82
CA VAL B 271 -20.67 20.45 -23.06
C VAL B 271 -21.38 21.20 -24.18
N ASP B 272 -22.15 22.21 -23.80
CA ASP B 272 -22.95 22.98 -24.75
C ASP B 272 -22.87 24.44 -24.35
N SER B 273 -23.74 25.23 -24.98
CA SER B 273 -23.85 26.65 -24.65
C SER B 273 -24.19 26.86 -23.19
N LYS B 274 -25.12 26.07 -22.64
CA LYS B 274 -25.51 26.30 -21.25
C LYS B 274 -24.41 25.89 -20.28
N PHE B 275 -23.66 24.82 -20.59
CA PHE B 275 -22.54 24.45 -19.74
C PHE B 275 -21.59 25.62 -19.56
N TYR B 276 -21.16 26.23 -20.67
CA TYR B 276 -20.25 27.37 -20.58
C TYR B 276 -20.88 28.49 -19.76
N LYS B 277 -22.16 28.77 -19.98
CA LYS B 277 -22.85 29.79 -19.20
C LYS B 277 -22.88 29.45 -17.72
N MET B 278 -23.29 28.22 -17.39
CA MET B 278 -23.42 27.83 -15.98
C MET B 278 -22.09 27.95 -15.24
N ILE B 279 -20.97 27.60 -15.87
CA ILE B 279 -19.69 27.78 -15.20
C ILE B 279 -19.41 29.25 -14.96
N LYS B 280 -19.68 30.10 -15.95
CA LYS B 280 -19.42 31.53 -15.76
C LYS B 280 -20.26 32.11 -14.63
N GLU B 281 -21.53 31.73 -14.55
CA GLU B 281 -22.42 32.20 -13.49
C GLU B 281 -22.00 31.70 -12.11
N GLY B 282 -21.14 30.70 -12.02
CA GLY B 282 -20.61 30.27 -10.74
C GLY B 282 -21.04 28.88 -10.29
N PHE B 283 -21.77 28.14 -11.11
CA PHE B 283 -22.19 26.81 -10.71
C PHE B 283 -20.97 25.91 -10.59
N ARG B 284 -20.98 25.08 -9.55
CA ARG B 284 -19.89 24.16 -9.24
C ARG B 284 -20.48 22.81 -8.86
N MET B 285 -19.66 21.76 -9.03
CA MET B 285 -20.13 20.43 -8.67
C MET B 285 -20.29 20.31 -7.15
N LEU B 286 -21.34 19.62 -6.72
CA LEU B 286 -21.45 19.25 -5.32
C LEU B 286 -20.34 18.27 -4.95
N SER B 287 -20.15 18.08 -3.65
CA SER B 287 -19.17 17.13 -3.16
C SER B 287 -19.57 15.70 -3.50
N PRO B 288 -18.62 14.86 -3.96
CA PRO B 288 -18.87 13.42 -3.93
C PRO B 288 -19.18 13.01 -2.50
N GLU B 289 -20.05 12.02 -2.36
CA GLU B 289 -20.54 11.65 -1.02
C GLU B 289 -19.42 11.22 -0.10
N HIS B 290 -18.34 10.66 -0.63
CA HIS B 290 -17.29 10.11 0.21
C HIS B 290 -16.07 11.00 0.28
N ALA B 291 -16.17 12.21 -0.24
CA ALA B 291 -15.09 13.17 -0.08
C ALA B 291 -15.09 13.67 1.36
N PRO B 292 -13.97 13.61 2.06
CA PRO B 292 -13.86 14.36 3.33
C PRO B 292 -14.14 15.83 3.04
N ALA B 293 -14.85 16.48 3.96
CA ALA B 293 -15.22 17.87 3.78
C ALA B 293 -14.00 18.75 3.52
N GLU B 294 -12.84 18.39 4.09
CA GLU B 294 -11.61 19.14 3.84
C GLU B 294 -11.11 18.97 2.41
N MET B 295 -11.30 17.79 1.82
CA MET B 295 -10.93 17.62 0.43
C MET B 295 -11.91 18.32 -0.50
N TYR B 296 -13.19 18.39 -0.13
CA TYR B 296 -14.09 19.17 -0.96
C TYR B 296 -13.79 20.67 -0.86
N ASP B 297 -13.36 21.14 0.33
CA ASP B 297 -12.93 22.54 0.44
C ASP B 297 -11.76 22.84 -0.49
N ILE B 298 -10.83 21.89 -0.64
CA ILE B 298 -9.74 22.09 -1.59
C ILE B 298 -10.28 22.19 -3.00
N MET B 299 -11.14 21.24 -3.39
CA MET B 299 -11.79 21.30 -4.69
C MET B 299 -12.41 22.66 -4.92
N LYS B 300 -13.15 23.18 -3.93
CA LYS B 300 -13.86 24.44 -4.15
C LYS B 300 -12.89 25.59 -4.36
N THR B 301 -11.78 25.64 -3.59
CA THR B 301 -10.80 26.68 -3.85
C THR B 301 -10.11 26.48 -5.19
N CYS B 302 -10.00 25.23 -5.65
CA CYS B 302 -9.41 25.00 -6.97
C CYS B 302 -10.27 25.56 -8.07
N TRP B 303 -11.59 25.64 -7.83
CA TRP B 303 -12.56 26.10 -8.81
C TRP B 303 -12.89 27.58 -8.64
N ASP B 304 -12.06 28.34 -7.94
CA ASP B 304 -12.33 29.77 -7.81
C ASP B 304 -12.30 30.41 -9.19
N ALA B 305 -13.25 31.33 -9.43
CA ALA B 305 -13.32 31.96 -10.73
C ALA B 305 -12.12 32.86 -11.00
N ASP B 306 -11.51 33.40 -9.94
CA ASP B 306 -10.30 34.19 -10.10
C ASP B 306 -9.11 33.27 -9.92
N PRO B 307 -8.30 33.01 -10.96
CA PRO B 307 -7.18 32.07 -10.81
C PRO B 307 -6.23 32.48 -9.70
N LEU B 308 -6.11 33.79 -9.47
CA LEU B 308 -5.22 34.30 -8.44
C LEU B 308 -5.67 33.94 -7.03
N LYS B 309 -6.92 33.49 -6.85
CA LYS B 309 -7.37 33.02 -5.56
C LYS B 309 -7.30 31.51 -5.40
N ARG B 310 -6.92 30.78 -6.44
CA ARG B 310 -6.80 29.35 -6.24
C ARG B 310 -5.48 29.03 -5.55
N PRO B 311 -5.42 27.93 -4.80
CA PRO B 311 -4.14 27.53 -4.19
C PRO B 311 -3.11 27.13 -5.24
N THR B 312 -1.82 27.28 -4.90
CA THR B 312 -0.80 26.59 -5.69
C THR B 312 -0.76 25.10 -5.30
N PHE B 313 -0.09 24.30 -6.12
CA PHE B 313 0.10 22.90 -5.72
C PHE B 313 0.97 22.78 -4.47
N LYS B 314 1.93 23.68 -4.27
CA LYS B 314 2.71 23.64 -3.03
C LYS B 314 1.81 23.79 -1.81
N GLN B 315 0.85 24.72 -1.87
CA GLN B 315 -0.09 24.88 -0.76
C GLN B 315 -0.97 23.66 -0.59
N ILE B 316 -1.41 23.06 -1.70
CA ILE B 316 -2.25 21.86 -1.62
C ILE B 316 -1.50 20.72 -0.95
N VAL B 317 -0.24 20.51 -1.34
CA VAL B 317 0.60 19.50 -0.70
C VAL B 317 0.64 19.72 0.81
N GLN B 318 0.79 20.98 1.24
CA GLN B 318 0.83 21.27 2.67
C GLN B 318 -0.50 20.95 3.34
N LEU B 319 -1.62 21.30 2.68
CA LEU B 319 -2.92 21.02 3.28
C LEU B 319 -3.17 19.52 3.38
N ILE B 320 -2.79 18.75 2.35
CA ILE B 320 -3.08 17.33 2.38
C ILE B 320 -2.15 16.62 3.36
N GLU B 321 -0.92 17.13 3.53
CA GLU B 321 -0.01 16.57 4.52
C GLU B 321 -0.65 16.59 5.92
N LYS B 322 -1.28 17.73 6.26
CA LYS B 322 -1.96 17.84 7.54
C LYS B 322 -3.08 16.81 7.69
N GLN B 323 -3.89 16.65 6.65
CA GLN B 323 -5.00 15.69 6.70
C GLN B 323 -4.50 14.28 6.95
N ILE B 324 -3.49 13.85 6.19
CA ILE B 324 -2.97 12.50 6.36
C ILE B 324 -2.35 12.34 7.74
N SER B 325 -1.65 13.37 8.22
CA SER B 325 -1.00 13.30 9.53
C SER B 325 -2.02 13.12 10.65
N GLU B 326 -3.15 13.82 10.56
CA GLU B 326 -4.17 13.70 11.60
C GLU B 326 -4.85 12.33 11.56
N SER B 327 -4.98 11.75 10.37
CA SER B 327 -5.64 10.46 10.20
C SER B 327 -4.93 9.30 10.88
N THR B 328 -3.78 9.54 11.53
CA THR B 328 -3.02 8.46 12.14
C THR B 328 -3.13 8.44 13.66
C15 AWO C . -11.45 -1.51 13.83
C17 AWO C . -12.56 -3.50 13.67
C20 AWO C . -14.76 -2.42 12.49
C21 AWO C . -2.77 -5.40 20.56
C22 AWO C . -2.83 -6.79 20.48
C24 AWO C . -1.20 -6.91 22.22
C26 AWO C . -1.91 -4.75 21.43
C28 AWO C . 0.85 -8.18 22.54
C1 AWO C . -3.20 -3.37 19.03
C3 AWO C . -5.16 -3.57 17.91
C5 AWO C . -3.61 -4.59 19.59
C7 AWO C . -7.38 -3.94 16.77
C9 AWO C . -8.72 -5.77 17.00
C11 AWO C . -9.49 -4.06 15.65
C12 AWO C . -8.33 -3.35 15.95
C14 AWO C . -10.45 -2.15 14.57
C18 AWO C . -11.57 -4.15 14.40
C19 AWO C . -13.52 -1.54 12.64
C23 AWO C . -2.03 -7.56 21.32
C25 AWO C . -1.12 -5.52 22.27
C30 AWO C . 2.98 -9.42 22.74
C33 AWO C . 4.48 -10.17 21.27
C34 AWO C . 3.14 -9.77 21.36
C35 AWO C . 5.17 -10.66 20.01
C36 AWO C . 6.54 -9.99 19.94
N2 AWO C . -4.08 -2.84 18.14
N6 AWO C . -6.19 -3.16 17.02
N8 AWO C . -7.60 -5.13 17.29
N10 AWO C . -9.67 -5.24 16.22
N13 AWO C . -10.53 -3.45 14.83
N16 AWO C . -12.48 -2.20 13.40
N27 AWO C . -0.35 -7.66 23.11
N29 AWO C . 1.78 -8.92 23.37
N31 AWO C . 4.14 -9.62 23.33
O32 AWO C . 5.01 -10.06 22.45
O37 AWO C . 1.05 -8.01 21.38
S4 AWO C . -5.08 -4.98 18.87
C15 AWO D . -4.22 -3.68 -18.09
C17 AWO D . -2.16 -4.31 -17.25
C20 AWO D . -3.31 -6.92 -18.10
C21 AWO D . 3.03 5.71 -20.42
C22 AWO D . 2.03 6.61 -20.74
C24 AWO D . 3.68 8.12 -21.56
C26 AWO D . 4.35 6.01 -20.63
C28 AWO D . 4.12 10.48 -21.24
C1 AWO D . 3.51 3.77 -18.81
C3 AWO D . 1.81 2.28 -18.73
C5 AWO D . 2.68 4.40 -19.75
C7 AWO D . -0.18 0.71 -18.63
C9 AWO D . -2.16 1.10 -19.67
C11 AWO D . -1.92 -0.86 -18.49
C12 AWO D . -0.62 -0.52 -18.18
C14 AWO D . -3.71 -2.43 -18.40
C18 AWO D . -1.65 -3.05 -17.54
C19 AWO D . -4.00 -5.88 -17.22
C23 AWO D . 2.35 7.82 -21.32
C25 AWO D . 4.68 7.22 -21.21
C30 AWO D . 4.58 12.91 -20.82
C33 AWO D . 4.38 14.27 -19.05
C34 AWO D . 4.11 12.96 -19.45
C35 AWO D . 4.04 14.86 -17.68
C36 AWO D . 5.31 15.04 -16.88
N2 AWO D . 3.01 2.63 -18.29
N6 AWO D . 1.16 1.09 -18.26
N8 AWO D . -0.94 1.49 -19.36
N10 AWO D . -2.63 -0.04 -19.25
N13 AWO D . -2.44 -2.15 -18.11
N16 AWO D . -3.44 -4.58 -17.52
N27 AWO D . 4.13 9.36 -22.13
N29 AWO D . 4.58 11.77 -21.70
N31 AWO D . 5.08 14.10 -21.08
O32 AWO D . 4.94 14.89 -20.04
O37 AWO D . 3.70 10.31 -20.15
S4 AWO D . 1.27 3.46 -19.86
#